data_3KND
#
_entry.id   3KND
#
_cell.length_a   78.527
_cell.length_b   89.317
_cell.length_c   99.273
_cell.angle_alpha   90.00
_cell.angle_beta   90.00
_cell.angle_gamma   90.00
#
_symmetry.space_group_name_H-M   'P 21 21 21'
#
loop_
_entity.id
_entity.type
_entity.pdbx_description
1 polymer 'Importin subunit alpha-2'
2 polymer 'Targeting protein for Xklp2'
3 non-polymer 'SULFATE ION'
4 water water
#
loop_
_entity_poly.entity_id
_entity_poly.type
_entity_poly.pdbx_seq_one_letter_code
_entity_poly.pdbx_strand_id
1 'polypeptide(L)'
;NQGTVNWSVEDIVKGINSNNLESQLQATQAARKLLSREKQPPIDNIIRAGLIPKFVSFLGKTDCSPIQFESAWALTNIAS
GTSEQTKAVVDGGAIPAFISLLASPHAHISEQAVWALGNIAGDGSAFRDLVIKHGAIDPLLALLAVPDLSTLACGYLRNL
TWTLSNLCRNKNPAPPLDAVEQILPTLVRLLHHNDPEVLADSCWAISYLTDGPNERIEMVVKKGVVPQLVKLLGATELPI
VTPALRAIGNIVTGTDEQTQKVIDAGALAVFPSLLTNPKTNIQKEATWTMSNITAGRQDQIQQVVNHGLVPFLVGVLSKA
DFKTQKEAAWAITNYTSGGTVEQIVYLVHCGIIEPLMNLLSAKDTKIIQVILDAISNIFQAAEKLGETEKLSIMIEECGG
LDKIEALQRHENESVYKASLNLIEKYFSVEEEEDQNVVPETTSEGFAFQVQDGAPGTFNF
;
A
2 'polypeptide(L)'
;GGHTVPKPFNLSKGKRKHEEASDYVSTAEQVIAFYKRTPARYHLRSRQREMEGPSPVKMIKTKLTNPKTPLLQTKGRHRP
V
;
B
#
loop_
_chem_comp.id
_chem_comp.type
_chem_comp.name
_chem_comp.formula
SO4 non-polymer 'SULFATE ION' 'O4 S -2'
#
# COMPACT_ATOMS: atom_id res chain seq x y z
N ASN A 1 -14.30 -18.40 34.67
CA ASN A 1 -14.05 -17.05 34.18
C ASN A 1 -15.31 -16.18 34.21
N GLN A 2 -16.46 -16.80 34.43
CA GLN A 2 -17.73 -16.07 34.48
C GLN A 2 -17.81 -15.14 35.68
N GLY A 3 -16.83 -15.25 36.59
CA GLY A 3 -16.79 -14.40 37.76
C GLY A 3 -16.30 -12.99 37.45
N THR A 4 -15.78 -12.79 36.25
CA THR A 4 -15.30 -11.47 35.80
C THR A 4 -16.06 -10.99 34.57
N VAL A 5 -17.28 -11.50 34.38
CA VAL A 5 -18.09 -11.16 33.22
C VAL A 5 -19.11 -10.05 33.51
N ASN A 6 -19.13 -9.04 32.65
CA ASN A 6 -20.08 -7.94 32.74
C ASN A 6 -19.98 -7.08 34.01
N TRP A 7 -18.76 -6.87 34.51
CA TRP A 7 -18.59 -5.97 35.64
C TRP A 7 -18.95 -4.56 35.21
N SER A 8 -19.45 -3.79 36.15
CA SER A 8 -19.58 -2.35 35.95
C SER A 8 -18.20 -1.70 36.06
N VAL A 9 -18.03 -0.52 35.46
CA VAL A 9 -16.75 0.16 35.52
C VAL A 9 -16.42 0.48 36.97
N GLU A 10 -17.42 0.89 37.75
CA GLU A 10 -17.19 1.24 39.14
C GLU A 10 -16.73 0.03 39.95
N ASP A 11 -17.25 -1.15 39.63
CA ASP A 11 -16.76 -2.36 40.27
C ASP A 11 -15.30 -2.65 39.88
N ILE A 12 -14.95 -2.37 38.63
CA ILE A 12 -13.58 -2.54 38.17
C ILE A 12 -12.65 -1.60 38.93
N VAL A 13 -13.07 -0.34 39.04
CA VAL A 13 -12.28 0.66 39.74
C VAL A 13 -12.10 0.26 41.20
N LYS A 14 -13.18 -0.17 41.84
CA LYS A 14 -13.13 -0.60 43.23
C LYS A 14 -12.07 -1.69 43.41
N GLY A 15 -12.06 -2.68 42.51
CA GLY A 15 -11.12 -3.79 42.60
C GLY A 15 -9.68 -3.37 42.38
N ILE A 16 -9.46 -2.48 41.41
CA ILE A 16 -8.12 -2.06 41.08
C ILE A 16 -7.54 -1.15 42.17
N ASN A 17 -8.41 -0.43 42.88
CA ASN A 17 -7.96 0.43 43.98
C ASN A 17 -7.78 -0.30 45.30
N SER A 18 -8.08 -1.60 45.34
CA SER A 18 -7.85 -2.39 46.55
C SER A 18 -6.35 -2.57 46.74
N ASN A 19 -5.93 -2.91 47.96
CA ASN A 19 -4.51 -3.14 48.20
C ASN A 19 -4.13 -4.60 47.97
N ASN A 20 -4.87 -5.28 47.11
CA ASN A 20 -4.79 -6.73 47.01
C ASN A 20 -4.51 -7.12 45.57
N LEU A 21 -3.32 -7.67 45.31
CA LEU A 21 -2.92 -7.94 43.93
C LEU A 21 -3.86 -8.92 43.24
N GLU A 22 -4.34 -9.95 43.94
CA GLU A 22 -5.32 -10.85 43.34
C GLU A 22 -6.63 -10.15 43.01
N SER A 23 -7.12 -9.29 43.90
CA SER A 23 -8.30 -8.48 43.60
C SER A 23 -8.03 -7.58 42.38
N GLN A 24 -6.85 -7.00 42.32
CA GLN A 24 -6.50 -6.16 41.17
C GLN A 24 -6.49 -6.98 39.88
N LEU A 25 -5.98 -8.21 39.96
CA LEU A 25 -5.93 -9.09 38.80
C LEU A 25 -7.34 -9.39 38.29
N GLN A 26 -8.22 -9.80 39.20
CA GLN A 26 -9.61 -10.10 38.83
C GLN A 26 -10.30 -8.90 38.21
N ALA A 27 -10.02 -7.71 38.76
CA ALA A 27 -10.62 -6.49 38.23
C ALA A 27 -10.06 -6.14 36.85
N THR A 28 -8.77 -6.41 36.64
CA THR A 28 -8.12 -6.12 35.37
C THR A 28 -8.67 -7.07 34.30
N GLN A 29 -8.80 -8.35 34.64
CA GLN A 29 -9.43 -9.30 33.73
C GLN A 29 -10.86 -8.89 33.37
N ALA A 30 -11.63 -8.45 34.36
CA ALA A 30 -12.98 -7.96 34.11
C ALA A 30 -12.91 -6.79 33.13
N ALA A 31 -11.92 -5.93 33.29
CA ALA A 31 -11.76 -4.81 32.35
C ALA A 31 -11.44 -5.33 30.96
N ARG A 32 -10.55 -6.31 30.85
CA ARG A 32 -10.19 -6.86 29.56
C ARG A 32 -11.45 -7.36 28.86
N LYS A 33 -12.30 -8.06 29.61
CA LYS A 33 -13.48 -8.64 29.02
C LYS A 33 -14.48 -7.59 28.56
N LEU A 34 -14.66 -6.53 29.35
CA LEU A 34 -15.43 -5.38 28.90
C LEU A 34 -14.86 -4.85 27.57
N LEU A 35 -13.55 -4.66 27.53
CA LEU A 35 -12.87 -4.07 26.38
C LEU A 35 -12.82 -5.04 25.20
N SER A 36 -13.17 -6.28 25.44
CA SER A 36 -13.10 -7.32 24.41
C SER A 36 -14.44 -7.70 23.78
N ARG A 37 -15.52 -7.10 24.25
CA ARG A 37 -16.83 -7.40 23.68
C ARG A 37 -16.92 -6.79 22.28
N GLU A 38 -17.76 -7.35 21.43
CA GLU A 38 -17.81 -6.98 20.02
C GLU A 38 -18.37 -5.58 19.78
N LYS A 39 -19.50 -5.26 20.41
CA LYS A 39 -20.16 -3.98 20.17
C LYS A 39 -19.83 -2.93 21.22
N GLN A 40 -19.32 -1.78 20.74
CA GLN A 40 -19.07 -0.61 21.57
C GLN A 40 -18.35 -0.91 22.87
N PRO A 41 -17.12 -1.43 22.79
CA PRO A 41 -16.31 -1.54 24.02
C PRO A 41 -16.23 -0.17 24.66
N PRO A 42 -16.46 -0.07 25.98
CA PRO A 42 -16.50 1.22 26.67
C PRO A 42 -15.11 1.81 26.91
N ILE A 43 -14.38 2.08 25.83
CA ILE A 43 -13.02 2.58 25.93
C ILE A 43 -12.97 3.94 26.65
N ASP A 44 -13.87 4.84 26.27
CA ASP A 44 -13.88 6.18 26.87
C ASP A 44 -14.20 6.13 28.35
N ASN A 45 -15.12 5.24 28.74
CA ASN A 45 -15.47 5.07 30.15
C ASN A 45 -14.28 4.60 30.97
N ILE A 46 -13.57 3.62 30.44
CA ILE A 46 -12.39 3.08 31.11
C ILE A 46 -11.30 4.15 31.25
N ILE A 47 -11.10 4.94 30.21
CA ILE A 47 -10.12 6.02 30.26
C ILE A 47 -10.56 7.05 31.31
N ARG A 48 -11.81 7.47 31.22
CA ARG A 48 -12.33 8.51 32.12
C ARG A 48 -12.21 8.08 33.58
N ALA A 49 -12.30 6.79 33.83
CA ALA A 49 -12.20 6.27 35.19
C ALA A 49 -10.77 6.29 35.72
N GLY A 50 -9.81 6.71 34.89
CA GLY A 50 -8.43 6.84 35.31
C GLY A 50 -7.68 5.52 35.44
N LEU A 51 -8.12 4.50 34.72
CA LEU A 51 -7.51 3.18 34.86
C LEU A 51 -6.17 2.99 34.14
N ILE A 52 -5.85 3.82 33.15
CA ILE A 52 -4.68 3.56 32.31
C ILE A 52 -3.37 3.47 33.11
N PRO A 53 -3.11 4.46 33.99
CA PRO A 53 -1.87 4.42 34.79
C PRO A 53 -1.72 3.15 35.63
N LYS A 54 -2.83 2.59 36.14
CA LYS A 54 -2.77 1.37 36.90
C LYS A 54 -2.42 0.21 35.99
N PHE A 55 -3.09 0.12 34.84
CA PHE A 55 -2.78 -0.92 33.87
C PHE A 55 -1.30 -0.87 33.53
N VAL A 56 -0.77 0.34 33.29
CA VAL A 56 0.64 0.48 32.94
C VAL A 56 1.54 -0.03 34.06
N SER A 57 1.23 0.29 35.31
CA SER A 57 2.03 -0.22 36.42
C SER A 57 1.94 -1.74 36.52
N PHE A 58 0.79 -2.32 36.17
CA PHE A 58 0.67 -3.78 36.20
C PHE A 58 1.54 -4.45 35.16
N LEU A 59 1.86 -3.76 34.07
CA LEU A 59 2.75 -4.30 33.05
C LEU A 59 4.08 -4.68 33.67
N GLY A 60 4.45 -4.00 34.74
CA GLY A 60 5.75 -4.20 35.37
C GLY A 60 5.82 -5.29 36.44
N LYS A 61 4.71 -5.97 36.70
CA LYS A 61 4.70 -6.95 37.79
C LYS A 61 5.18 -8.34 37.37
N THR A 62 6.50 -8.51 37.37
CA THR A 62 7.11 -9.74 36.89
C THR A 62 6.66 -10.95 37.69
N ASP A 63 6.26 -10.73 38.94
CA ASP A 63 5.91 -11.82 39.83
C ASP A 63 4.45 -12.22 39.68
N CYS A 64 3.73 -11.51 38.83
CA CYS A 64 2.35 -11.83 38.56
C CYS A 64 2.07 -11.74 37.06
N SER A 65 2.56 -12.72 36.30
CA SER A 65 2.49 -12.65 34.86
C SER A 65 1.03 -12.58 34.37
N PRO A 66 0.09 -13.20 35.10
CA PRO A 66 -1.32 -13.03 34.70
C PRO A 66 -1.80 -11.57 34.66
N ILE A 67 -1.42 -10.72 35.61
CA ILE A 67 -1.88 -9.34 35.57
C ILE A 67 -1.13 -8.52 34.51
N GLN A 68 0.07 -8.98 34.15
CA GLN A 68 0.82 -8.41 33.03
C GLN A 68 0.06 -8.65 31.72
N PHE A 69 -0.39 -9.89 31.55
CA PHE A 69 -1.14 -10.28 30.36
C PHE A 69 -2.48 -9.55 30.29
N GLU A 70 -3.25 -9.58 31.38
CA GLU A 70 -4.56 -8.94 31.38
C GLU A 70 -4.45 -7.45 31.07
N SER A 71 -3.48 -6.77 31.69
CA SER A 71 -3.40 -5.32 31.50
C SER A 71 -2.85 -5.01 30.11
N ALA A 72 -1.96 -5.87 29.60
CA ALA A 72 -1.40 -5.71 28.27
C ALA A 72 -2.53 -5.75 27.26
N TRP A 73 -3.45 -6.67 27.46
CA TRP A 73 -4.56 -6.88 26.55
C TRP A 73 -5.56 -5.72 26.67
N ALA A 74 -5.82 -5.27 27.89
CA ALA A 74 -6.73 -4.15 28.09
C ALA A 74 -6.16 -2.91 27.38
N LEU A 75 -4.85 -2.73 27.48
CA LEU A 75 -4.23 -1.53 26.92
C LEU A 75 -4.17 -1.65 25.40
N THR A 76 -3.93 -2.85 24.89
CA THR A 76 -3.95 -3.08 23.46
C THR A 76 -5.28 -2.60 22.89
N ASN A 77 -6.38 -2.96 23.55
CA ASN A 77 -7.70 -2.63 23.04
C ASN A 77 -8.02 -1.16 23.16
N ILE A 78 -7.50 -0.51 24.20
CA ILE A 78 -7.63 0.94 24.28
C ILE A 78 -6.84 1.58 23.14
N ALA A 79 -5.61 1.10 22.93
CA ALA A 79 -4.72 1.65 21.92
C ALA A 79 -5.24 1.42 20.51
N SER A 80 -6.18 0.49 20.36
CA SER A 80 -6.75 0.19 19.05
C SER A 80 -7.82 1.20 18.64
N GLY A 81 -8.22 2.07 19.56
CA GLY A 81 -9.31 3.02 19.30
C GLY A 81 -8.84 4.24 18.52
N THR A 82 -9.45 5.39 18.78
CA THR A 82 -9.09 6.63 18.09
C THR A 82 -7.70 7.13 18.48
N SER A 83 -7.19 8.10 17.73
CA SER A 83 -5.88 8.68 18.02
C SER A 83 -5.82 9.16 19.46
N GLU A 84 -6.90 9.80 19.91
CA GLU A 84 -6.98 10.31 21.27
C GLU A 84 -6.89 9.16 22.30
N GLN A 85 -7.49 8.03 21.97
CA GLN A 85 -7.45 6.89 22.88
C GLN A 85 -6.06 6.25 22.88
N THR A 86 -5.42 6.18 21.71
CA THR A 86 -4.05 5.69 21.64
C THR A 86 -3.13 6.65 22.39
N LYS A 87 -3.36 7.94 22.22
CA LYS A 87 -2.56 8.95 22.91
C LYS A 87 -2.66 8.76 24.42
N ALA A 88 -3.82 8.33 24.90
CA ALA A 88 -3.97 8.18 26.34
C ALA A 88 -3.10 7.03 26.83
N VAL A 89 -2.97 5.99 26.02
CA VAL A 89 -2.13 4.86 26.39
C VAL A 89 -0.66 5.28 26.39
N VAL A 90 -0.25 6.01 25.37
CA VAL A 90 1.12 6.52 25.29
C VAL A 90 1.40 7.47 26.47
N ASP A 91 0.46 8.35 26.78
CA ASP A 91 0.66 9.34 27.84
C ASP A 91 0.80 8.68 29.20
N GLY A 92 0.27 7.47 29.33
CA GLY A 92 0.41 6.72 30.57
C GLY A 92 1.76 6.06 30.75
N GLY A 93 2.64 6.18 29.75
CA GLY A 93 3.96 5.58 29.85
C GLY A 93 4.05 4.16 29.31
N ALA A 94 3.07 3.76 28.51
CA ALA A 94 2.97 2.37 28.05
C ALA A 94 4.13 1.94 27.14
N ILE A 95 4.73 2.86 26.38
CA ILE A 95 5.71 2.42 25.38
C ILE A 95 6.93 1.72 26.00
N PRO A 96 7.61 2.35 26.96
CA PRO A 96 8.76 1.59 27.46
C PRO A 96 8.34 0.32 28.20
N ALA A 97 7.17 0.34 28.83
CA ALA A 97 6.71 -0.82 29.59
C ALA A 97 6.43 -2.01 28.64
N PHE A 98 5.85 -1.75 27.49
CA PHE A 98 5.58 -2.81 26.51
C PHE A 98 6.87 -3.34 25.90
N ILE A 99 7.83 -2.44 25.68
CA ILE A 99 9.10 -2.85 25.14
C ILE A 99 9.77 -3.81 26.12
N SER A 100 9.73 -3.49 27.41
CA SER A 100 10.30 -4.39 28.42
C SER A 100 9.62 -5.77 28.41
N LEU A 101 8.36 -5.82 28.03
CA LEU A 101 7.62 -7.09 27.96
C LEU A 101 7.98 -7.94 26.75
N LEU A 102 8.56 -7.32 25.73
CA LEU A 102 8.93 -8.03 24.52
C LEU A 102 9.80 -9.24 24.83
N ALA A 103 10.62 -9.12 25.88
CA ALA A 103 11.56 -10.17 26.25
C ALA A 103 11.00 -11.12 27.31
N SER A 104 9.73 -10.98 27.64
CA SER A 104 9.09 -11.84 28.64
C SER A 104 9.28 -13.31 28.29
N PRO A 105 9.46 -14.15 29.32
CA PRO A 105 9.63 -15.59 29.09
C PRO A 105 8.32 -16.24 28.63
N HIS A 106 7.20 -15.54 28.86
CA HIS A 106 5.88 -16.06 28.49
C HIS A 106 5.51 -15.59 27.11
N ALA A 107 5.29 -16.53 26.20
CA ALA A 107 5.13 -16.19 24.79
C ALA A 107 3.88 -15.35 24.59
N HIS A 108 2.81 -15.69 25.29
CA HIS A 108 1.55 -14.99 25.08
C HIS A 108 1.63 -13.54 25.55
N ILE A 109 2.54 -13.26 26.49
CA ILE A 109 2.67 -11.91 27.02
C ILE A 109 3.53 -11.06 26.07
N SER A 110 4.61 -11.67 25.60
CA SER A 110 5.47 -11.05 24.61
C SER A 110 4.65 -10.66 23.40
N GLU A 111 3.82 -11.59 22.95
CA GLU A 111 3.00 -11.41 21.76
C GLU A 111 2.00 -10.29 21.99
N GLN A 112 1.48 -10.20 23.21
CA GLN A 112 0.53 -9.15 23.53
C GLN A 112 1.24 -7.79 23.45
N ALA A 113 2.49 -7.73 23.88
CA ALA A 113 3.21 -6.47 23.86
C ALA A 113 3.54 -6.10 22.40
N VAL A 114 3.88 -7.10 21.58
CA VAL A 114 4.06 -6.88 20.15
C VAL A 114 2.82 -6.22 19.53
N TRP A 115 1.66 -6.81 19.79
CA TRP A 115 0.38 -6.29 19.28
C TRP A 115 0.13 -4.83 19.74
N ALA A 116 0.30 -4.57 21.03
CA ALA A 116 0.09 -3.22 21.58
C ALA A 116 0.96 -2.19 20.87
N LEU A 117 2.24 -2.53 20.67
CA LEU A 117 3.18 -1.62 20.01
C LEU A 117 2.81 -1.43 18.55
N GLY A 118 2.26 -2.45 17.92
CA GLY A 118 1.75 -2.32 16.56
C GLY A 118 0.59 -1.32 16.53
N ASN A 119 -0.33 -1.39 17.49
CA ASN A 119 -1.43 -0.41 17.53
C ASN A 119 -0.91 1.02 17.75
N ILE A 120 0.08 1.16 18.61
CA ILE A 120 0.61 2.49 18.91
C ILE A 120 1.35 3.04 17.68
N ALA A 121 2.23 2.24 17.11
CA ALA A 121 2.99 2.66 15.93
C ALA A 121 2.04 2.94 14.76
N GLY A 122 0.94 2.20 14.69
CA GLY A 122 0.00 2.34 13.57
C GLY A 122 -0.81 3.63 13.63
N ASP A 123 -0.75 4.32 14.75
CA ASP A 123 -1.51 5.56 14.88
C ASP A 123 -1.00 6.67 13.95
N GLY A 124 0.29 6.67 13.64
CA GLY A 124 0.85 7.74 12.83
C GLY A 124 2.36 7.84 12.92
N SER A 125 2.93 8.66 12.03
CA SER A 125 4.38 8.86 11.96
C SER A 125 5.05 9.16 13.30
N ALA A 126 4.46 10.06 14.07
CA ALA A 126 5.04 10.51 15.33
C ALA A 126 5.08 9.39 16.39
N PHE A 127 4.00 8.66 16.59
CA PHE A 127 4.04 7.56 17.56
C PHE A 127 4.91 6.42 17.02
N ARG A 128 4.89 6.23 15.70
CA ARG A 128 5.76 5.22 15.09
C ARG A 128 7.21 5.54 15.45
N ASP A 129 7.59 6.79 15.26
CA ASP A 129 8.96 7.23 15.53
C ASP A 129 9.26 7.22 17.01
N LEU A 130 8.25 7.43 17.85
CA LEU A 130 8.47 7.41 19.30
C LEU A 130 8.74 5.98 19.78
N VAL A 131 8.02 5.02 19.20
CA VAL A 131 8.25 3.62 19.51
C VAL A 131 9.67 3.22 19.10
N ILE A 132 10.14 3.74 17.97
CA ILE A 132 11.48 3.44 17.50
C ILE A 132 12.52 4.09 18.43
N LYS A 133 12.29 5.33 18.85
CA LYS A 133 13.22 6.00 19.77
C LYS A 133 13.34 5.26 21.10
N HIS A 134 12.26 4.64 21.56
CA HIS A 134 12.28 3.90 22.82
C HIS A 134 13.01 2.55 22.68
N GLY A 135 13.40 2.20 21.46
CA GLY A 135 14.24 1.03 21.24
C GLY A 135 13.48 -0.26 20.98
N ALA A 136 12.33 -0.15 20.31
CA ALA A 136 11.50 -1.33 20.05
C ALA A 136 12.13 -2.29 19.05
N ILE A 137 12.91 -1.76 18.11
CA ILE A 137 13.32 -2.57 16.95
C ILE A 137 14.23 -3.75 17.29
N ASP A 138 15.23 -3.52 18.14
CA ASP A 138 16.13 -4.61 18.54
C ASP A 138 15.38 -5.79 19.16
N PRO A 139 14.54 -5.53 20.18
CA PRO A 139 13.85 -6.67 20.79
C PRO A 139 12.85 -7.31 19.83
N LEU A 140 12.22 -6.53 18.97
CA LEU A 140 11.27 -7.10 18.03
C LEU A 140 12.02 -8.07 17.11
N LEU A 141 13.17 -7.63 16.60
CA LEU A 141 13.90 -8.42 15.63
C LEU A 141 14.46 -9.66 16.28
N ALA A 142 14.84 -9.54 17.55
CA ALA A 142 15.40 -10.67 18.28
C ALA A 142 14.41 -11.82 18.40
N LEU A 143 13.12 -11.51 18.36
CA LEU A 143 12.09 -12.55 18.48
C LEU A 143 12.01 -13.36 17.22
N LEU A 144 12.45 -12.78 16.11
CA LEU A 144 12.49 -13.50 14.84
C LEU A 144 13.86 -14.09 14.54
N ALA A 145 14.80 -14.01 15.48
CA ALA A 145 16.15 -14.52 15.22
C ALA A 145 16.20 -16.02 15.51
N VAL A 146 15.54 -16.80 14.69
CA VAL A 146 15.56 -18.25 14.79
C VAL A 146 15.96 -18.85 13.44
N PRO A 147 16.57 -20.05 13.47
CA PRO A 147 17.05 -20.68 12.24
C PRO A 147 15.97 -20.85 11.17
N ASP A 148 14.76 -21.18 11.59
CA ASP A 148 13.67 -21.46 10.67
C ASP A 148 12.37 -20.88 11.21
N LEU A 149 11.76 -19.96 10.47
CA LEU A 149 10.56 -19.27 10.92
C LEU A 149 9.41 -20.23 11.23
N SER A 150 9.41 -21.38 10.57
CA SER A 150 8.30 -22.32 10.74
C SER A 150 8.18 -22.88 12.16
N THR A 151 9.21 -22.72 12.98
CA THR A 151 9.17 -23.26 14.34
C THR A 151 8.40 -22.33 15.28
N LEU A 152 8.06 -21.13 14.79
CA LEU A 152 7.30 -20.17 15.58
C LEU A 152 5.81 -20.42 15.40
N ALA A 153 5.04 -20.17 16.45
CA ALA A 153 3.59 -20.26 16.35
C ALA A 153 3.09 -19.31 15.27
N CYS A 154 2.15 -19.80 14.48
CA CYS A 154 1.63 -19.07 13.34
C CYS A 154 1.08 -17.68 13.73
N GLY A 155 0.22 -17.64 14.74
CA GLY A 155 -0.39 -16.40 15.17
C GLY A 155 0.65 -15.40 15.68
N TYR A 156 1.63 -15.92 16.39
CA TYR A 156 2.73 -15.13 16.92
C TYR A 156 3.54 -14.49 15.77
N LEU A 157 3.81 -15.27 14.72
CA LEU A 157 4.59 -14.77 13.59
C LEU A 157 3.80 -13.73 12.82
N ARG A 158 2.50 -13.96 12.62
CA ARG A 158 1.66 -12.99 11.95
C ARG A 158 1.60 -11.66 12.68
N ASN A 159 1.51 -11.70 14.01
CA ASN A 159 1.47 -10.46 14.77
C ASN A 159 2.77 -9.68 14.68
N LEU A 160 3.90 -10.39 14.71
CA LEU A 160 5.20 -9.73 14.65
C LEU A 160 5.34 -9.07 13.29
N THR A 161 4.92 -9.78 12.24
CA THR A 161 5.04 -9.29 10.88
C THR A 161 4.18 -8.05 10.71
N TRP A 162 2.96 -8.10 11.25
CA TRP A 162 2.05 -6.98 11.13
C TRP A 162 2.61 -5.75 11.87
N THR A 163 3.16 -5.94 13.05
CA THR A 163 3.73 -4.81 13.80
C THR A 163 4.94 -4.22 13.07
N LEU A 164 5.82 -5.09 12.56
CA LEU A 164 6.95 -4.58 11.78
C LEU A 164 6.45 -3.77 10.58
N SER A 165 5.31 -4.14 9.99
CA SER A 165 4.87 -3.44 8.78
C SER A 165 4.35 -2.06 9.17
N ASN A 166 3.82 -1.93 10.38
CA ASN A 166 3.43 -0.62 10.87
C ASN A 166 4.63 0.27 11.15
N LEU A 167 5.75 -0.32 11.57
CA LEU A 167 6.97 0.48 11.75
C LEU A 167 7.50 0.99 10.40
N CYS A 168 7.09 0.34 9.30
CA CYS A 168 7.51 0.75 7.96
C CYS A 168 6.48 1.68 7.32
N ARG A 169 5.35 1.87 7.98
CA ARG A 169 4.17 2.37 7.30
C ARG A 169 4.04 3.85 6.93
N ASN A 170 4.12 4.81 7.81
CA ASN A 170 3.57 6.09 7.32
C ASN A 170 4.55 6.99 6.54
N LYS A 171 4.13 8.18 6.14
CA LYS A 171 5.12 9.17 5.66
C LYS A 171 4.87 10.60 6.15
N ASN A 172 5.68 11.55 5.67
CA ASN A 172 5.59 12.91 6.17
C ASN A 172 5.72 12.94 7.70
N PRO A 173 6.82 12.37 8.22
CA PRO A 173 7.92 11.79 7.43
C PRO A 173 7.88 10.28 7.30
N ALA A 174 8.72 9.75 6.43
CA ALA A 174 8.90 8.31 6.30
C ALA A 174 9.74 7.86 7.49
N PRO A 175 9.78 6.54 7.74
CA PRO A 175 10.56 6.01 8.86
C PRO A 175 12.03 6.41 8.75
N PRO A 176 12.75 6.47 9.88
CA PRO A 176 14.15 6.87 9.80
C PRO A 176 14.93 5.90 8.94
N LEU A 177 15.83 6.41 8.09
CA LEU A 177 16.64 5.57 7.21
C LEU A 177 17.29 4.43 7.98
N ASP A 178 17.83 4.75 9.15
CA ASP A 178 18.52 3.76 9.98
C ASP A 178 17.58 2.63 10.43
N ALA A 179 16.35 2.99 10.79
CA ALA A 179 15.37 2.00 11.21
C ALA A 179 15.01 1.08 10.03
N VAL A 180 14.86 1.65 8.84
CA VAL A 180 14.54 0.86 7.67
C VAL A 180 15.66 -0.15 7.42
N GLU A 181 16.90 0.32 7.39
CA GLU A 181 18.04 -0.55 7.13
C GLU A 181 18.11 -1.70 8.14
N GLN A 182 17.80 -1.39 9.39
CA GLN A 182 17.85 -2.39 10.44
C GLN A 182 16.75 -3.45 10.27
N ILE A 183 15.59 -3.02 9.78
CA ILE A 183 14.43 -3.89 9.61
C ILE A 183 14.46 -4.70 8.30
N LEU A 184 15.08 -4.15 7.25
CA LEU A 184 14.93 -4.72 5.91
C LEU A 184 15.35 -6.19 5.78
N PRO A 185 16.51 -6.55 6.34
CA PRO A 185 16.92 -7.97 6.27
C PRO A 185 15.88 -8.94 6.85
N THR A 186 15.21 -8.59 7.94
CA THR A 186 14.21 -9.51 8.52
C THR A 186 12.98 -9.52 7.63
N LEU A 187 12.68 -8.37 7.05
CA LEU A 187 11.56 -8.26 6.12
C LEU A 187 11.77 -9.13 4.87
N VAL A 188 13.00 -9.14 4.35
CA VAL A 188 13.28 -9.92 3.15
C VAL A 188 13.05 -11.39 3.45
N ARG A 189 13.41 -11.80 4.66
CA ARG A 189 13.21 -13.16 5.13
C ARG A 189 11.73 -13.55 5.28
N LEU A 190 10.91 -12.66 5.84
CA LEU A 190 9.46 -12.92 5.99
C LEU A 190 8.80 -13.00 4.63
N LEU A 191 9.35 -12.26 3.67
CA LEU A 191 8.84 -12.23 2.32
C LEU A 191 9.06 -13.57 1.61
N HIS A 192 9.89 -14.43 2.19
CA HIS A 192 10.05 -15.80 1.68
C HIS A 192 9.30 -16.86 2.49
N HIS A 193 8.53 -16.44 3.49
CA HIS A 193 7.79 -17.38 4.33
C HIS A 193 6.55 -17.92 3.61
N ASN A 194 6.08 -19.10 4.00
CA ASN A 194 5.04 -19.78 3.24
C ASN A 194 3.61 -19.46 3.69
N ASP A 195 3.47 -18.70 4.77
CA ASP A 195 2.16 -18.33 5.28
C ASP A 195 1.60 -17.11 4.55
N PRO A 196 0.37 -17.21 4.05
CA PRO A 196 -0.18 -16.15 3.21
C PRO A 196 -0.37 -14.81 3.91
N GLU A 197 -0.67 -14.81 5.21
CA GLU A 197 -0.88 -13.55 5.90
C GLU A 197 0.46 -12.87 6.19
N VAL A 198 1.48 -13.67 6.48
CA VAL A 198 2.84 -13.16 6.67
C VAL A 198 3.32 -12.57 5.35
N LEU A 199 3.05 -13.26 4.24
CA LEU A 199 3.44 -12.76 2.93
C LEU A 199 2.70 -11.48 2.57
N ALA A 200 1.40 -11.43 2.87
CA ALA A 200 0.61 -10.24 2.57
C ALA A 200 1.17 -9.01 3.30
N ASP A 201 1.43 -9.14 4.59
CA ASP A 201 1.90 -8.02 5.39
C ASP A 201 3.35 -7.64 5.07
N SER A 202 4.16 -8.63 4.74
CA SER A 202 5.54 -8.39 4.32
C SER A 202 5.56 -7.55 3.05
N CYS A 203 4.74 -7.94 2.08
CA CYS A 203 4.55 -7.15 0.88
C CYS A 203 4.02 -5.76 1.15
N TRP A 204 3.06 -5.63 2.08
CA TRP A 204 2.52 -4.31 2.41
C TRP A 204 3.65 -3.44 2.92
N ALA A 205 4.49 -4.01 3.77
CA ALA A 205 5.61 -3.27 4.35
C ALA A 205 6.58 -2.83 3.23
N ILE A 206 6.88 -3.72 2.30
CA ILE A 206 7.82 -3.39 1.21
C ILE A 206 7.21 -2.29 0.36
N SER A 207 5.89 -2.36 0.14
CA SER A 207 5.21 -1.33 -0.61
C SER A 207 5.28 0.03 0.11
N TYR A 208 5.20 0.04 1.43
CA TYR A 208 5.31 1.31 2.17
C TYR A 208 6.68 1.91 1.98
N LEU A 209 7.70 1.04 2.02
CA LEU A 209 9.09 1.49 1.98
C LEU A 209 9.48 1.98 0.58
N THR A 210 8.81 1.46 -0.44
CA THR A 210 9.10 1.84 -1.83
C THR A 210 8.22 2.99 -2.29
N ASP A 211 7.34 3.47 -1.41
CA ASP A 211 6.50 4.61 -1.71
C ASP A 211 7.17 5.89 -1.24
N GLY A 212 8.01 6.46 -2.10
CA GLY A 212 8.70 7.69 -1.77
C GLY A 212 9.79 8.00 -2.77
N PRO A 213 10.80 8.79 -2.36
CA PRO A 213 11.89 9.16 -3.27
C PRO A 213 12.70 7.95 -3.73
N ASN A 214 13.41 8.10 -4.86
CA ASN A 214 14.11 6.98 -5.45
C ASN A 214 15.17 6.36 -4.54
N GLU A 215 15.72 7.16 -3.63
CA GLU A 215 16.69 6.64 -2.66
C GLU A 215 16.07 5.59 -1.74
N ARG A 216 14.80 5.76 -1.40
CA ARG A 216 14.06 4.76 -0.62
C ARG A 216 13.86 3.49 -1.44
N ILE A 217 13.46 3.68 -2.69
CA ILE A 217 13.27 2.55 -3.58
C ILE A 217 14.56 1.77 -3.67
N GLU A 218 15.69 2.48 -3.77
CA GLU A 218 16.98 1.87 -4.01
C GLU A 218 17.40 0.98 -2.86
N MET A 219 17.20 1.42 -1.62
CA MET A 219 17.65 0.60 -0.49
C MET A 219 16.84 -0.68 -0.36
N VAL A 220 15.62 -0.68 -0.91
CA VAL A 220 14.84 -1.91 -1.00
C VAL A 220 15.28 -2.76 -2.21
N VAL A 221 15.40 -2.15 -3.37
CA VAL A 221 15.79 -2.89 -4.56
C VAL A 221 17.16 -3.52 -4.40
N LYS A 222 18.04 -2.85 -3.64
CA LYS A 222 19.40 -3.34 -3.44
C LYS A 222 19.42 -4.64 -2.63
N LYS A 223 18.36 -4.91 -1.88
CA LYS A 223 18.28 -6.13 -1.08
C LYS A 223 17.86 -7.36 -1.90
N GLY A 224 17.56 -7.15 -3.17
CA GLY A 224 17.33 -8.25 -4.10
C GLY A 224 15.95 -8.88 -4.04
N VAL A 225 14.96 -8.14 -3.54
CA VAL A 225 13.60 -8.65 -3.37
C VAL A 225 12.76 -8.69 -4.64
N VAL A 226 13.22 -8.04 -5.70
CA VAL A 226 12.35 -7.85 -6.87
C VAL A 226 11.90 -9.19 -7.48
N PRO A 227 12.82 -10.16 -7.62
CA PRO A 227 12.35 -11.46 -8.12
C PRO A 227 11.27 -12.08 -7.23
N GLN A 228 11.38 -11.94 -5.92
CA GLN A 228 10.40 -12.52 -5.02
C GLN A 228 9.06 -11.79 -5.17
N LEU A 229 9.11 -10.47 -5.32
CA LEU A 229 7.88 -9.70 -5.53
C LEU A 229 7.17 -10.17 -6.81
N VAL A 230 7.94 -10.38 -7.87
CA VAL A 230 7.36 -10.79 -9.15
C VAL A 230 6.70 -12.16 -9.00
N LYS A 231 7.36 -13.06 -8.29
CA LYS A 231 6.75 -14.36 -8.01
C LYS A 231 5.40 -14.17 -7.29
N LEU A 232 5.36 -13.31 -6.29
CA LEU A 232 4.16 -13.11 -5.49
C LEU A 232 3.06 -12.42 -6.30
N LEU A 233 3.50 -11.67 -7.30
CA LEU A 233 2.62 -11.01 -8.26
C LEU A 233 1.73 -12.03 -8.95
N GLY A 234 2.22 -13.25 -9.06
CA GLY A 234 1.47 -14.30 -9.70
C GLY A 234 0.73 -15.21 -8.73
N ALA A 235 0.71 -14.87 -7.44
CA ALA A 235 0.01 -15.71 -6.46
C ALA A 235 -1.48 -15.78 -6.79
N THR A 236 -2.17 -16.78 -6.27
CA THR A 236 -3.60 -16.88 -6.51
C THR A 236 -4.39 -16.03 -5.51
N GLU A 237 -3.84 -15.87 -4.32
CA GLU A 237 -4.49 -15.10 -3.26
C GLU A 237 -4.42 -13.60 -3.55
N LEU A 238 -5.58 -13.01 -3.74
CA LEU A 238 -5.69 -11.58 -3.99
C LEU A 238 -5.01 -10.73 -2.90
N PRO A 239 -5.10 -11.17 -1.63
CA PRO A 239 -4.46 -10.38 -0.57
C PRO A 239 -2.94 -10.31 -0.71
N ILE A 240 -2.37 -11.22 -1.48
CA ILE A 240 -0.94 -11.22 -1.73
C ILE A 240 -0.59 -10.46 -3.00
N VAL A 241 -1.37 -10.66 -4.06
CA VAL A 241 -1.16 -9.95 -5.33
C VAL A 241 -1.27 -8.45 -5.16
N THR A 242 -2.21 -7.99 -4.34
CA THR A 242 -2.52 -6.58 -4.25
C THR A 242 -1.33 -5.79 -3.71
N PRO A 243 -0.72 -6.25 -2.60
CA PRO A 243 0.45 -5.51 -2.15
C PRO A 243 1.70 -5.76 -3.02
N ALA A 244 1.83 -6.95 -3.60
CA ALA A 244 2.95 -7.24 -4.47
C ALA A 244 2.95 -6.26 -5.63
N LEU A 245 1.77 -6.07 -6.21
CA LEU A 245 1.60 -5.18 -7.34
C LEU A 245 1.84 -3.73 -6.90
N ARG A 246 1.43 -3.39 -5.69
CA ARG A 246 1.66 -2.04 -5.21
C ARG A 246 3.17 -1.80 -5.12
N ALA A 247 3.92 -2.75 -4.58
CA ALA A 247 5.36 -2.60 -4.45
C ALA A 247 6.03 -2.49 -5.82
N ILE A 248 5.64 -3.36 -6.75
CA ILE A 248 6.19 -3.34 -8.11
C ILE A 248 5.89 -2.02 -8.78
N GLY A 249 4.65 -1.56 -8.64
CA GLY A 249 4.23 -0.26 -9.14
C GLY A 249 5.07 0.89 -8.60
N ASN A 250 5.36 0.85 -7.30
CA ASN A 250 6.17 1.90 -6.69
C ASN A 250 7.58 1.85 -7.24
N ILE A 251 8.12 0.66 -7.36
CA ILE A 251 9.49 0.49 -7.80
C ILE A 251 9.70 1.03 -9.22
N VAL A 252 8.68 0.93 -10.10
CA VAL A 252 8.82 1.47 -11.46
C VAL A 252 8.51 2.96 -11.56
N THR A 253 8.25 3.62 -10.44
CA THR A 253 8.16 5.08 -10.45
C THR A 253 9.55 5.66 -10.27
N GLY A 254 10.55 4.80 -10.13
CA GLY A 254 11.92 5.21 -9.85
C GLY A 254 12.71 5.50 -11.10
N THR A 255 14.00 5.18 -11.06
CA THR A 255 14.89 5.41 -12.19
C THR A 255 14.72 4.33 -13.26
N ASP A 256 15.26 4.60 -14.45
CA ASP A 256 15.20 3.63 -15.53
C ASP A 256 15.82 2.31 -15.08
N GLU A 257 16.89 2.40 -14.30
CA GLU A 257 17.59 1.21 -13.83
C GLU A 257 16.76 0.39 -12.84
N GLN A 258 16.11 1.05 -11.89
CA GLN A 258 15.21 0.38 -10.96
C GLN A 258 14.07 -0.29 -11.73
N THR A 259 13.57 0.38 -12.76
CA THR A 259 12.51 -0.16 -13.59
C THR A 259 12.98 -1.40 -14.33
N GLN A 260 14.23 -1.38 -14.78
CA GLN A 260 14.77 -2.49 -15.57
C GLN A 260 14.89 -3.75 -14.72
N LYS A 261 15.13 -3.58 -13.42
CA LYS A 261 15.15 -4.70 -12.47
C LYS A 261 13.84 -5.46 -12.50
N VAL A 262 12.75 -4.71 -12.57
CA VAL A 262 11.42 -5.31 -12.56
C VAL A 262 11.18 -6.07 -13.87
N ILE A 263 11.63 -5.51 -14.97
CA ILE A 263 11.45 -6.15 -16.27
C ILE A 263 12.33 -7.41 -16.35
N ASP A 264 13.57 -7.31 -15.91
CA ASP A 264 14.50 -8.43 -15.97
C ASP A 264 14.00 -9.59 -15.10
N ALA A 265 13.26 -9.26 -14.04
CA ALA A 265 12.79 -10.27 -13.11
C ALA A 265 11.65 -11.07 -13.71
N GLY A 266 11.10 -10.56 -14.81
CA GLY A 266 10.06 -11.25 -15.55
C GLY A 266 8.65 -10.75 -15.32
N ALA A 267 8.51 -9.53 -14.78
CA ALA A 267 7.21 -9.03 -14.36
C ALA A 267 6.27 -8.88 -15.52
N LEU A 268 6.77 -8.50 -16.69
CA LEU A 268 5.87 -8.21 -17.80
C LEU A 268 5.02 -9.42 -18.22
N ALA A 269 5.51 -10.63 -18.00
CA ALA A 269 4.77 -11.81 -18.43
C ALA A 269 3.47 -12.00 -17.64
N VAL A 270 3.34 -11.29 -16.53
CA VAL A 270 2.18 -11.45 -15.65
C VAL A 270 1.08 -10.44 -16.00
N PHE A 271 1.42 -9.43 -16.79
CA PHE A 271 0.46 -8.38 -17.08
C PHE A 271 -0.72 -8.73 -18.01
N PRO A 272 -0.59 -9.78 -18.85
CA PRO A 272 -1.82 -10.18 -19.54
C PRO A 272 -2.92 -10.55 -18.52
N SER A 273 -2.59 -11.30 -17.48
CA SER A 273 -3.54 -11.59 -16.40
C SER A 273 -3.96 -10.36 -15.60
N LEU A 274 -2.99 -9.54 -15.19
CA LEU A 274 -3.31 -8.37 -14.37
C LEU A 274 -4.19 -7.35 -15.11
N LEU A 275 -3.93 -7.15 -16.39
CA LEU A 275 -4.67 -6.15 -17.16
C LEU A 275 -6.09 -6.64 -17.52
N THR A 276 -6.39 -7.91 -17.23
CA THR A 276 -7.74 -8.42 -17.43
C THR A 276 -8.31 -8.96 -16.12
N ASN A 277 -7.69 -8.61 -15.00
CA ASN A 277 -8.04 -9.18 -13.70
C ASN A 277 -9.47 -8.80 -13.30
N PRO A 278 -10.25 -9.77 -12.82
CA PRO A 278 -11.65 -9.53 -12.41
C PRO A 278 -11.78 -8.48 -11.31
N LYS A 279 -10.73 -8.26 -10.53
CA LYS A 279 -10.75 -7.27 -9.47
C LYS A 279 -10.39 -5.90 -10.05
N THR A 280 -11.36 -4.98 -10.01
CA THR A 280 -11.21 -3.66 -10.61
C THR A 280 -9.95 -2.94 -10.19
N ASN A 281 -9.64 -3.04 -8.90
CA ASN A 281 -8.48 -2.37 -8.35
C ASN A 281 -7.16 -2.94 -8.88
N ILE A 282 -7.09 -4.26 -9.05
CA ILE A 282 -5.90 -4.88 -9.63
C ILE A 282 -5.69 -4.35 -11.05
N GLN A 283 -6.75 -4.30 -11.85
CA GLN A 283 -6.66 -3.73 -13.19
C GLN A 283 -6.14 -2.30 -13.15
N LYS A 284 -6.69 -1.50 -12.23
CA LYS A 284 -6.33 -0.10 -12.17
C LYS A 284 -4.85 0.07 -11.84
N GLU A 285 -4.40 -0.63 -10.81
CA GLU A 285 -3.02 -0.54 -10.37
C GLU A 285 -2.07 -1.11 -11.42
N ALA A 286 -2.51 -2.14 -12.14
CA ALA A 286 -1.70 -2.74 -13.19
C ALA A 286 -1.53 -1.76 -14.35
N THR A 287 -2.58 -0.99 -14.64
CA THR A 287 -2.49 -0.08 -15.76
C THR A 287 -1.62 1.11 -15.34
N TRP A 288 -1.79 1.56 -14.09
CA TRP A 288 -0.94 2.61 -13.53
C TRP A 288 0.53 2.20 -13.66
N THR A 289 0.82 0.96 -13.28
CA THR A 289 2.18 0.41 -13.35
C THR A 289 2.70 0.42 -14.80
N MET A 290 1.85 0.03 -15.74
CA MET A 290 2.21 0.05 -17.16
C MET A 290 2.50 1.47 -17.64
N SER A 291 1.78 2.45 -17.12
CA SER A 291 1.95 3.81 -17.57
C SER A 291 3.34 4.30 -17.17
N ASN A 292 3.85 3.82 -16.04
CA ASN A 292 5.17 4.25 -15.63
C ASN A 292 6.27 3.53 -16.39
N ILE A 293 5.97 2.32 -16.85
CA ILE A 293 6.91 1.55 -17.63
C ILE A 293 7.00 2.12 -19.05
N THR A 294 5.89 2.62 -19.60
CA THR A 294 5.92 3.19 -20.94
C THR A 294 6.50 4.59 -20.90
N ALA A 295 6.71 5.11 -19.69
CA ALA A 295 7.40 6.39 -19.53
C ALA A 295 8.90 6.17 -19.47
N GLY A 296 9.32 4.92 -19.66
CA GLY A 296 10.73 4.57 -19.58
C GLY A 296 11.47 4.80 -20.89
N ARG A 297 12.58 4.08 -21.06
CA ARG A 297 13.38 4.17 -22.28
C ARG A 297 12.67 3.50 -23.45
N GLN A 298 13.14 3.77 -24.65
CA GLN A 298 12.62 3.13 -25.85
C GLN A 298 12.81 1.61 -25.81
N ASP A 299 13.93 1.15 -25.28
CA ASP A 299 14.17 -0.29 -25.16
C ASP A 299 13.20 -0.92 -24.15
N GLN A 300 12.71 -0.14 -23.20
CA GLN A 300 11.76 -0.64 -22.21
C GLN A 300 10.36 -0.70 -22.80
N ILE A 301 10.01 0.35 -23.54
CA ILE A 301 8.80 0.33 -24.36
C ILE A 301 8.84 -0.87 -25.31
N GLN A 302 10.02 -1.17 -25.84
CA GLN A 302 10.10 -2.27 -26.80
C GLN A 302 9.76 -3.59 -26.14
N GLN A 303 10.10 -3.74 -24.86
CA GLN A 303 9.80 -5.00 -24.16
C GLN A 303 8.32 -5.09 -23.86
N VAL A 304 7.68 -3.95 -23.65
CA VAL A 304 6.24 -3.93 -23.49
C VAL A 304 5.63 -4.44 -24.78
N VAL A 305 6.17 -4.01 -25.91
CA VAL A 305 5.69 -4.45 -27.21
C VAL A 305 5.90 -5.95 -27.38
N ASN A 306 7.11 -6.39 -27.07
CA ASN A 306 7.50 -7.78 -27.30
C ASN A 306 6.65 -8.75 -26.47
N HIS A 307 6.24 -8.31 -25.28
CA HIS A 307 5.43 -9.13 -24.37
C HIS A 307 3.95 -9.11 -24.75
N GLY A 308 3.65 -8.43 -25.86
CA GLY A 308 2.31 -8.42 -26.42
C GLY A 308 1.33 -7.62 -25.58
N LEU A 309 1.84 -6.62 -24.88
CA LEU A 309 1.03 -5.88 -23.94
C LEU A 309 0.24 -4.71 -24.55
N VAL A 310 0.60 -4.29 -25.77
CA VAL A 310 -0.13 -3.17 -26.36
C VAL A 310 -1.60 -3.52 -26.63
N PRO A 311 -1.87 -4.71 -27.16
CA PRO A 311 -3.29 -5.09 -27.33
C PRO A 311 -4.04 -5.10 -25.99
N PHE A 312 -3.34 -5.43 -24.90
CA PHE A 312 -3.98 -5.42 -23.58
C PHE A 312 -4.28 -3.98 -23.14
N LEU A 313 -3.44 -3.03 -23.53
CA LEU A 313 -3.71 -1.61 -23.27
C LEU A 313 -4.87 -1.08 -24.12
N VAL A 314 -4.94 -1.51 -25.38
CA VAL A 314 -6.09 -1.17 -26.22
C VAL A 314 -7.38 -1.71 -25.59
N GLY A 315 -7.28 -2.90 -25.01
CA GLY A 315 -8.42 -3.55 -24.37
C GLY A 315 -8.94 -2.74 -23.18
N VAL A 316 -8.05 -2.42 -22.25
CA VAL A 316 -8.42 -1.60 -21.11
C VAL A 316 -9.00 -0.25 -21.54
N LEU A 317 -8.43 0.34 -22.58
CA LEU A 317 -8.89 1.64 -23.04
C LEU A 317 -10.30 1.52 -23.62
N SER A 318 -10.58 0.39 -24.26
CA SER A 318 -11.88 0.14 -24.87
C SER A 318 -12.97 -0.14 -23.84
N LYS A 319 -12.63 -0.88 -22.80
CA LYS A 319 -13.59 -1.23 -21.79
C LYS A 319 -12.92 -1.49 -20.45
N ALA A 320 -13.24 -0.66 -19.48
CA ALA A 320 -12.73 -0.81 -18.13
C ALA A 320 -13.43 0.20 -17.25
N ASP A 321 -13.28 0.05 -15.94
CA ASP A 321 -13.71 1.09 -15.02
C ASP A 321 -13.05 2.40 -15.50
N PHE A 322 -13.74 3.52 -15.33
CA PHE A 322 -13.23 4.78 -15.88
C PHE A 322 -11.86 5.18 -15.32
N LYS A 323 -11.62 4.95 -14.05
CA LYS A 323 -10.34 5.31 -13.46
C LYS A 323 -9.22 4.49 -14.08
N THR A 324 -9.53 3.25 -14.45
CA THR A 324 -8.56 2.39 -15.11
C THR A 324 -8.28 2.88 -16.52
N GLN A 325 -9.34 3.31 -17.21
CA GLN A 325 -9.22 3.83 -18.57
C GLN A 325 -8.35 5.08 -18.61
N LYS A 326 -8.48 5.91 -17.57
CA LYS A 326 -7.69 7.13 -17.46
C LYS A 326 -6.21 6.77 -17.32
N GLU A 327 -5.92 5.76 -16.50
CA GLU A 327 -4.57 5.24 -16.41
C GLU A 327 -4.07 4.74 -17.76
N ALA A 328 -4.96 4.07 -18.52
CA ALA A 328 -4.56 3.56 -19.83
C ALA A 328 -4.26 4.75 -20.75
N ALA A 329 -5.02 5.82 -20.62
CA ALA A 329 -4.76 7.00 -21.44
C ALA A 329 -3.36 7.53 -21.16
N TRP A 330 -2.99 7.58 -19.88
CA TRP A 330 -1.66 8.01 -19.47
C TRP A 330 -0.58 7.10 -20.05
N ALA A 331 -0.80 5.79 -19.95
CA ALA A 331 0.12 4.81 -20.48
C ALA A 331 0.36 5.09 -21.95
N ILE A 332 -0.70 5.42 -22.68
CA ILE A 332 -0.58 5.68 -24.11
C ILE A 332 0.16 7.00 -24.39
N THR A 333 -0.13 8.04 -23.62
CA THR A 333 0.53 9.32 -23.83
C THR A 333 2.02 9.20 -23.54
N ASN A 334 2.36 8.44 -22.51
CA ASN A 334 3.76 8.25 -22.13
C ASN A 334 4.51 7.46 -23.20
N TYR A 335 3.86 6.40 -23.69
CA TYR A 335 4.38 5.58 -24.77
C TYR A 335 4.63 6.47 -25.98
N THR A 336 3.64 7.29 -26.34
CA THR A 336 3.70 8.06 -27.57
C THR A 336 4.72 9.17 -27.49
N SER A 337 5.00 9.67 -26.29
CA SER A 337 5.95 10.76 -26.15
C SER A 337 7.38 10.23 -26.18
N GLY A 338 7.59 9.02 -25.68
CA GLY A 338 8.93 8.47 -25.57
C GLY A 338 9.30 7.46 -26.63
N GLY A 339 8.32 6.97 -27.38
CA GLY A 339 8.55 5.87 -28.30
C GLY A 339 9.17 6.30 -29.63
N THR A 340 9.73 5.34 -30.38
CA THR A 340 10.16 5.57 -31.75
C THR A 340 8.96 5.64 -32.68
N VAL A 341 9.15 6.17 -33.87
CA VAL A 341 8.09 6.22 -34.87
C VAL A 341 7.48 4.83 -35.11
N GLU A 342 8.33 3.82 -35.15
CA GLU A 342 7.86 2.47 -35.47
C GLU A 342 7.01 1.91 -34.33
N GLN A 343 7.42 2.17 -33.09
CA GLN A 343 6.64 1.76 -31.93
C GLN A 343 5.29 2.48 -31.93
N ILE A 344 5.30 3.75 -32.35
CA ILE A 344 4.08 4.55 -32.34
C ILE A 344 3.13 4.06 -33.43
N VAL A 345 3.67 3.76 -34.61
CA VAL A 345 2.87 3.25 -35.71
C VAL A 345 2.22 1.95 -35.29
N TYR A 346 3.02 1.10 -34.64
CA TYR A 346 2.57 -0.21 -34.17
C TYR A 346 1.34 -0.06 -33.29
N LEU A 347 1.38 0.95 -32.44
CA LEU A 347 0.28 1.26 -31.54
C LEU A 347 -1.00 1.44 -32.35
N VAL A 348 -0.90 2.17 -33.45
CA VAL A 348 -2.03 2.43 -34.32
C VAL A 348 -2.52 1.16 -35.01
N HIS A 349 -1.59 0.31 -35.43
CA HIS A 349 -1.97 -0.96 -36.04
C HIS A 349 -2.69 -1.86 -35.04
N CYS A 350 -2.43 -1.67 -33.75
CA CYS A 350 -3.11 -2.47 -32.73
C CYS A 350 -4.53 -1.98 -32.45
N GLY A 351 -4.87 -0.82 -32.98
CA GLY A 351 -6.24 -0.33 -32.90
C GLY A 351 -6.45 0.71 -31.82
N ILE A 352 -5.43 1.51 -31.52
CA ILE A 352 -5.51 2.42 -30.38
C ILE A 352 -6.46 3.59 -30.65
N ILE A 353 -6.65 3.94 -31.92
CA ILE A 353 -7.28 5.21 -32.27
C ILE A 353 -8.75 5.32 -31.85
N GLU A 354 -9.56 4.33 -32.21
CA GLU A 354 -10.98 4.40 -31.97
C GLU A 354 -11.31 4.48 -30.47
N PRO A 355 -10.75 3.57 -29.67
CA PRO A 355 -11.05 3.63 -28.23
C PRO A 355 -10.58 4.95 -27.64
N LEU A 356 -9.49 5.49 -28.18
CA LEU A 356 -8.94 6.75 -27.71
C LEU A 356 -9.94 7.87 -27.97
N MET A 357 -10.49 7.88 -29.17
CA MET A 357 -11.45 8.91 -29.58
C MET A 357 -12.76 8.82 -28.81
N ASN A 358 -13.20 7.61 -28.50
CA ASN A 358 -14.44 7.45 -27.77
C ASN A 358 -14.36 8.06 -26.37
N LEU A 359 -13.14 8.07 -25.81
CA LEU A 359 -12.93 8.60 -24.47
C LEU A 359 -12.90 10.12 -24.47
N LEU A 360 -12.99 10.72 -25.65
CA LEU A 360 -13.05 12.17 -25.72
C LEU A 360 -14.44 12.67 -25.29
N SER A 361 -15.34 11.73 -25.05
CA SER A 361 -16.69 12.05 -24.60
C SER A 361 -16.76 12.11 -23.08
N ALA A 362 -15.62 11.92 -22.43
CA ALA A 362 -15.58 11.89 -20.97
C ALA A 362 -15.67 13.30 -20.42
N LYS A 363 -16.40 13.45 -19.31
CA LYS A 363 -16.60 14.75 -18.69
C LYS A 363 -15.32 15.23 -18.02
N ASP A 364 -14.50 14.29 -17.58
CA ASP A 364 -13.23 14.60 -16.95
C ASP A 364 -12.32 15.40 -17.89
N THR A 365 -11.78 16.51 -17.40
CA THR A 365 -10.96 17.39 -18.21
C THR A 365 -9.54 16.87 -18.39
N LYS A 366 -8.98 16.29 -17.33
CA LYS A 366 -7.61 15.81 -17.37
C LYS A 366 -7.40 14.71 -18.42
N ILE A 367 -8.32 13.75 -18.49
CA ILE A 367 -8.14 12.67 -19.45
C ILE A 367 -8.21 13.21 -20.87
N ILE A 368 -9.03 14.24 -21.07
CA ILE A 368 -9.18 14.85 -22.39
C ILE A 368 -7.86 15.48 -22.84
N GLN A 369 -7.20 16.17 -21.92
CA GLN A 369 -5.91 16.79 -22.23
C GLN A 369 -4.89 15.72 -22.57
N VAL A 370 -4.86 14.68 -21.73
CA VAL A 370 -3.94 13.56 -21.91
C VAL A 370 -4.10 12.93 -23.29
N ILE A 371 -5.35 12.74 -23.71
CA ILE A 371 -5.65 12.09 -24.98
C ILE A 371 -5.22 12.97 -26.16
N LEU A 372 -5.50 14.26 -26.06
CA LEU A 372 -5.10 15.20 -27.12
C LEU A 372 -3.58 15.23 -27.28
N ASP A 373 -2.86 15.17 -26.18
CA ASP A 373 -1.40 15.07 -26.22
C ASP A 373 -0.98 13.83 -27.00
N ALA A 374 -1.62 12.70 -26.71
CA ALA A 374 -1.31 11.44 -27.40
C ALA A 374 -1.56 11.57 -28.91
N ILE A 375 -2.73 12.11 -29.27
CA ILE A 375 -3.10 12.28 -30.66
C ILE A 375 -2.11 13.19 -31.40
N SER A 376 -1.59 14.19 -30.69
CA SER A 376 -0.60 15.09 -31.27
C SER A 376 0.70 14.34 -31.51
N ASN A 377 1.11 13.53 -30.54
CA ASN A 377 2.33 12.75 -30.69
C ASN A 377 2.24 11.76 -31.83
N ILE A 378 1.04 11.22 -32.04
CA ILE A 378 0.84 10.25 -33.10
C ILE A 378 0.88 10.95 -34.46
N PHE A 379 0.17 12.08 -34.58
CA PHE A 379 0.20 12.86 -35.83
C PHE A 379 1.63 13.22 -36.15
N GLN A 380 2.37 13.57 -35.10
CA GLN A 380 3.76 13.94 -35.21
C GLN A 380 4.57 12.78 -35.80
N ALA A 381 4.25 11.56 -35.36
CA ALA A 381 4.91 10.37 -35.87
C ALA A 381 4.57 10.18 -37.35
N ALA A 382 3.33 10.49 -37.71
CA ALA A 382 2.86 10.27 -39.07
C ALA A 382 3.36 11.36 -40.01
N GLU A 383 3.75 12.50 -39.47
CA GLU A 383 4.33 13.57 -40.29
C GLU A 383 5.68 13.13 -40.84
N LYS A 384 6.46 12.43 -40.01
CA LYS A 384 7.76 11.94 -40.42
C LYS A 384 7.63 10.85 -41.47
N LEU A 385 6.44 10.27 -41.58
CA LEU A 385 6.18 9.25 -42.58
C LEU A 385 5.30 9.78 -43.72
N GLY A 386 4.90 11.05 -43.62
CA GLY A 386 4.06 11.68 -44.62
C GLY A 386 2.72 10.99 -44.77
N GLU A 387 2.27 10.32 -43.70
CA GLU A 387 1.00 9.60 -43.72
C GLU A 387 -0.05 10.28 -42.84
N THR A 388 0.16 11.55 -42.54
CA THR A 388 -0.77 12.29 -41.70
C THR A 388 -2.16 12.28 -42.32
N GLU A 389 -2.22 12.32 -43.65
CA GLU A 389 -3.47 12.27 -44.38
C GLU A 389 -4.26 11.02 -43.97
N LYS A 390 -3.62 9.86 -44.07
CA LYS A 390 -4.30 8.61 -43.76
C LYS A 390 -4.76 8.54 -42.31
N LEU A 391 -3.97 9.10 -41.41
CA LEU A 391 -4.32 9.13 -39.99
C LEU A 391 -5.56 10.00 -39.78
N SER A 392 -5.59 11.13 -40.48
CA SER A 392 -6.71 12.07 -40.37
C SER A 392 -7.99 11.36 -40.71
N ILE A 393 -7.94 10.52 -41.75
CA ILE A 393 -9.13 9.81 -42.20
C ILE A 393 -9.60 8.80 -41.16
N MET A 394 -8.67 8.06 -40.58
CA MET A 394 -9.01 7.12 -39.51
C MET A 394 -9.80 7.83 -38.43
N ILE A 395 -9.23 8.93 -37.94
CA ILE A 395 -9.83 9.70 -36.86
C ILE A 395 -11.20 10.24 -37.27
N GLU A 396 -11.39 10.45 -38.57
CA GLU A 396 -12.63 11.05 -39.06
C GLU A 396 -13.77 10.03 -39.11
N GLU A 397 -13.51 8.86 -39.67
CA GLU A 397 -14.56 7.88 -39.89
C GLU A 397 -14.87 7.02 -38.67
N CYS A 398 -14.33 7.38 -37.51
CA CYS A 398 -14.69 6.73 -36.26
C CYS A 398 -15.27 7.74 -35.27
N GLY A 399 -15.65 8.91 -35.79
CA GLY A 399 -16.31 9.93 -34.98
C GLY A 399 -15.35 10.89 -34.31
N GLY A 400 -14.06 10.73 -34.61
CA GLY A 400 -13.03 11.53 -33.97
C GLY A 400 -13.11 13.02 -34.23
N LEU A 401 -13.34 13.40 -35.48
CA LEU A 401 -13.43 14.83 -35.82
C LEU A 401 -14.57 15.51 -35.09
N ASP A 402 -15.69 14.80 -34.93
CA ASP A 402 -16.82 15.33 -34.20
C ASP A 402 -16.41 15.63 -32.77
N LYS A 403 -15.60 14.74 -32.20
CA LYS A 403 -15.12 14.90 -30.84
C LYS A 403 -14.22 16.12 -30.72
N ILE A 404 -13.17 16.16 -31.53
CA ILE A 404 -12.17 17.21 -31.47
C ILE A 404 -12.77 18.59 -31.78
N GLU A 405 -13.68 18.62 -32.74
CA GLU A 405 -14.34 19.88 -33.11
C GLU A 405 -15.14 20.41 -31.94
N ALA A 406 -15.93 19.53 -31.33
CA ALA A 406 -16.74 19.91 -30.17
C ALA A 406 -15.87 20.43 -29.04
N LEU A 407 -14.65 19.91 -28.93
CA LEU A 407 -13.74 20.30 -27.85
C LEU A 407 -13.24 21.74 -28.03
N GLN A 408 -13.63 22.39 -29.11
CA GLN A 408 -13.33 23.80 -29.30
C GLN A 408 -14.33 24.64 -28.50
N ARG A 409 -15.56 24.15 -28.40
CA ARG A 409 -16.57 24.76 -27.54
C ARG A 409 -16.27 24.48 -26.08
N HIS A 410 -15.33 23.58 -25.83
CA HIS A 410 -15.04 23.12 -24.47
C HIS A 410 -14.60 24.27 -23.56
N GLU A 411 -14.96 24.15 -22.29
CA GLU A 411 -14.71 25.21 -21.31
C GLU A 411 -13.23 25.44 -21.05
N ASN A 412 -12.52 24.38 -20.67
CA ASN A 412 -11.11 24.53 -20.30
C ASN A 412 -10.31 25.26 -21.36
N GLU A 413 -9.29 26.00 -20.92
CA GLU A 413 -8.47 26.76 -21.84
C GLU A 413 -7.53 25.86 -22.62
N SER A 414 -6.79 25.02 -21.89
CA SER A 414 -5.77 24.18 -22.51
C SER A 414 -6.38 23.24 -23.55
N VAL A 415 -7.65 22.89 -23.37
CA VAL A 415 -8.33 21.97 -24.27
C VAL A 415 -8.60 22.61 -25.63
N TYR A 416 -9.31 23.73 -25.66
CA TYR A 416 -9.68 24.36 -26.93
C TYR A 416 -8.43 24.74 -27.71
N LYS A 417 -7.34 25.01 -26.99
CA LYS A 417 -6.10 25.39 -27.64
C LYS A 417 -5.52 24.21 -28.41
N ALA A 418 -5.49 23.05 -27.78
CA ALA A 418 -4.98 21.85 -28.42
C ALA A 418 -5.94 21.36 -29.50
N SER A 419 -7.23 21.53 -29.27
CA SER A 419 -8.26 21.07 -30.20
C SER A 419 -8.22 21.86 -31.49
N LEU A 420 -8.52 23.15 -31.39
CA LEU A 420 -8.45 24.05 -32.53
C LEU A 420 -7.19 23.79 -33.34
N ASN A 421 -6.06 23.70 -32.63
CA ASN A 421 -4.79 23.42 -33.26
C ASN A 421 -4.84 22.19 -34.15
N LEU A 422 -5.25 21.07 -33.57
CA LEU A 422 -5.33 19.81 -34.30
C LEU A 422 -6.16 19.97 -35.57
N ILE A 423 -7.27 20.70 -35.47
CA ILE A 423 -8.16 20.90 -36.60
C ILE A 423 -7.47 21.65 -37.73
N GLU A 424 -7.02 22.86 -37.44
CA GLU A 424 -6.42 23.71 -38.46
C GLU A 424 -5.19 23.08 -39.07
N LYS A 425 -4.52 22.21 -38.31
CA LYS A 425 -3.22 21.71 -38.73
C LYS A 425 -3.29 20.41 -39.52
N TYR A 426 -4.27 19.56 -39.21
CA TYR A 426 -4.35 18.24 -39.83
C TYR A 426 -5.69 17.96 -40.51
N PHE A 427 -6.67 18.81 -40.26
CA PHE A 427 -8.00 18.63 -40.82
C PHE A 427 -8.48 19.88 -41.55
N SER A 428 -7.54 20.75 -41.92
CA SER A 428 -7.85 21.98 -42.64
C SER A 428 -9.22 22.55 -42.27
N GLY B 14 7.91 10.92 -17.82
CA GLY B 14 6.92 11.34 -16.85
C GLY B 14 6.46 10.24 -15.91
N LYS B 15 7.33 9.83 -15.00
CA LYS B 15 6.96 8.90 -13.92
C LYS B 15 5.96 9.60 -13.00
N ARG B 16 4.94 8.87 -12.55
CA ARG B 16 3.93 9.42 -11.64
C ARG B 16 3.80 8.58 -10.39
N LYS B 17 4.29 9.12 -9.27
CA LYS B 17 4.19 8.43 -7.99
C LYS B 17 2.73 8.15 -7.66
N HIS B 18 2.51 7.19 -6.76
CA HIS B 18 1.16 6.82 -6.35
C HIS B 18 0.52 7.99 -5.63
N GLU B 19 1.33 8.76 -4.91
CA GLU B 19 0.86 9.90 -4.15
C GLU B 19 0.07 10.87 -5.02
N GLY B 53 -6.19 -3.13 -0.63
CA GLY B 53 -6.82 -3.58 0.61
C GLY B 53 -5.81 -3.81 1.73
N PRO B 54 -5.18 -2.72 2.20
CA PRO B 54 -4.08 -2.82 3.17
C PRO B 54 -4.52 -3.31 4.54
N SER B 55 -3.60 -3.93 5.26
CA SER B 55 -3.91 -4.36 6.62
C SER B 55 -4.29 -3.11 7.41
N PRO B 56 -5.11 -3.27 8.45
CA PRO B 56 -5.56 -2.08 9.18
C PRO B 56 -4.42 -1.49 10.01
N VAL B 57 -4.50 -0.20 10.34
CA VAL B 57 -3.47 0.41 11.16
C VAL B 57 -3.57 -0.06 12.61
N LYS B 58 -4.78 -0.37 13.05
CA LYS B 58 -4.98 -0.84 14.41
C LYS B 58 -5.92 -2.05 14.41
N MET B 59 -5.76 -2.92 15.39
CA MET B 59 -6.59 -4.11 15.54
C MET B 59 -6.95 -4.28 17.00
N ILE B 60 -8.21 -4.54 17.27
CA ILE B 60 -8.64 -4.83 18.62
C ILE B 60 -8.62 -6.35 18.80
N LYS B 61 -8.23 -6.82 19.99
CA LYS B 61 -8.25 -8.26 20.29
C LYS B 61 -9.53 -8.65 21.03
N THR B 62 -10.38 -9.44 20.39
CA THR B 62 -11.68 -9.79 20.98
C THR B 62 -11.72 -11.23 21.46
S SO4 C . -13.87 -5.44 -16.84
O1 SO4 C . -14.34 -4.95 -18.14
O2 SO4 C . -12.81 -6.43 -17.02
O3 SO4 C . -14.99 -6.06 -16.14
O4 SO4 C . -13.36 -4.32 -16.06
S SO4 D . -14.68 -5.33 -7.69
O1 SO4 D . -13.82 -5.49 -8.86
O2 SO4 D . -15.27 -6.62 -7.36
O3 SO4 D . -15.72 -4.35 -8.01
O4 SO4 D . -13.88 -4.84 -6.56
S SO4 E . -0.69 14.95 35.67
O1 SO4 E . -1.13 15.35 34.34
O2 SO4 E . -0.41 13.53 35.66
O3 SO4 E . -1.74 15.25 36.64
O4 SO4 E . 0.52 15.69 36.04
S SO4 F . 1.25 12.19 13.09
O1 SO4 F . 0.68 11.82 11.80
O2 SO4 F . 1.91 11.04 13.69
O3 SO4 F . 0.18 12.64 13.99
O4 SO4 F . 2.22 13.27 12.93
S SO4 G . 12.66 7.59 -34.32
O1 SO4 G . 13.43 8.57 -35.07
O2 SO4 G . 13.55 6.58 -33.74
O3 SO4 G . 11.72 6.93 -35.23
O4 SO4 G . 11.92 8.27 -33.26
#